data_6HVN
#
_entry.id   6HVN
#
_cell.length_a   46.490
_cell.length_b   65.130
_cell.length_c   131.320
_cell.angle_alpha   90.000
_cell.angle_beta   90.000
_cell.angle_gamma   90.000
#
_symmetry.space_group_name_H-M   'P 21 21 21'
#
loop_
_entity.id
_entity.type
_entity.pdbx_description
1 polymer 'Diadenylate cyclase'
2 branched beta-D-fructofuranose-(2-1)-alpha-D-glucopyranose
3 non-polymer 'CHLORIDE ION'
4 water water
#
_entity_poly.entity_id   1
_entity_poly.type   'polypeptide(L)'
_entity_poly.pdbx_seq_one_letter_code
;GPLGSYGSRIEREQHHLIESIEKSTQYMAKRRIGALISVARDTGMDDYIETGIPLNAKISSQLLINIFIPNTPLHDGAVI
IKGNEIASAASALPLSDSPFLSKELGTRHRAALGISEVTDSITIVVSEETGGISLTKGGELFRDVSEEELHKILLKELVT
VTAKKPSIFSKWKGGKSE
;
_entity_poly.pdbx_strand_id   A,B
#
loop_
_chem_comp.id
_chem_comp.type
_chem_comp.name
_chem_comp.formula
CL non-polymer 'CHLORIDE ION' 'Cl -1'
FRU D-saccharide, beta linking beta-D-fructofuranose 'C6 H12 O6'
GLC D-saccharide, alpha linking alpha-D-glucopyranose 'C6 H12 O6'
#
# COMPACT_ATOMS: atom_id res chain seq x y z
N GLY A 1 12.70 12.87 -13.45
CA GLY A 1 11.88 12.70 -12.26
C GLY A 1 12.21 11.44 -11.51
N PRO A 2 11.34 11.04 -10.58
CA PRO A 2 11.58 9.80 -9.83
C PRO A 2 11.57 8.57 -10.71
N LEU A 3 10.62 8.53 -11.64
CA LEU A 3 10.47 7.41 -12.58
C LEU A 3 11.61 7.28 -13.58
N GLY A 4 12.19 8.38 -14.04
CA GLY A 4 13.28 8.31 -15.00
C GLY A 4 13.41 9.63 -15.73
N SER A 5 14.23 9.60 -16.79
CA SER A 5 14.45 10.82 -17.55
C SER A 5 13.99 10.73 -19.00
N TYR A 6 13.32 9.67 -19.40
CA TYR A 6 12.96 9.49 -20.79
C TYR A 6 11.50 9.88 -21.03
N GLY A 7 11.25 10.56 -22.14
CA GLY A 7 9.91 10.91 -22.58
C GLY A 7 9.27 11.88 -21.60
N SER A 8 7.95 12.02 -21.69
CA SER A 8 7.25 12.92 -20.78
C SER A 8 6.92 12.21 -19.47
N ARG A 9 6.65 13.04 -18.44
CA ARG A 9 6.16 12.52 -17.15
C ARG A 9 4.99 11.57 -17.31
N ILE A 10 3.97 11.99 -18.06
CA ILE A 10 2.78 11.15 -18.25
C ILE A 10 3.16 9.81 -18.86
N GLU A 11 3.99 9.83 -19.91
CA GLU A 11 4.47 8.61 -20.56
C GLU A 11 5.11 7.68 -19.55
N ARG A 12 6.02 8.22 -18.75
CA ARG A 12 6.73 7.39 -17.78
C ARG A 12 5.77 6.83 -16.74
N GLU A 13 4.83 7.65 -16.26
CA GLU A 13 3.85 7.15 -15.30
C GLU A 13 2.98 6.04 -15.91
N GLN A 14 2.62 6.17 -17.19
CA GLN A 14 1.81 5.13 -17.83
C GLN A 14 2.59 3.84 -18.07
N HIS A 15 3.85 3.94 -18.53
CA HIS A 15 4.68 2.74 -18.66
C HIS A 15 4.93 2.04 -17.32
N HIS A 16 5.08 2.82 -16.24
CA HIS A 16 5.24 2.24 -14.92
C HIS A 16 3.96 1.53 -14.48
N LEU A 17 2.81 2.14 -14.73
CA LEU A 17 1.53 1.50 -14.46
C LEU A 17 1.41 0.15 -15.18
N ILE A 18 1.71 0.12 -16.47
CA ILE A 18 1.65 -1.13 -17.23
C ILE A 18 2.56 -2.20 -16.62
N GLU A 19 3.82 -1.84 -16.37
CA GLU A 19 4.75 -2.81 -15.78
C GLU A 19 4.28 -3.29 -14.41
N SER A 20 3.69 -2.40 -13.62
CA SER A 20 3.20 -2.74 -12.29
C SER A 20 2.08 -3.77 -12.37
N ILE A 21 1.17 -3.60 -13.33
CA ILE A 21 0.08 -4.54 -13.55
C ILE A 21 0.62 -5.89 -14.01
N GLU A 22 1.52 -5.89 -14.99
CA GLU A 22 2.08 -7.14 -15.52
C GLU A 22 2.84 -7.94 -14.46
N LYS A 23 3.74 -7.31 -13.70
CA LYS A 23 4.44 -8.00 -12.62
C LYS A 23 3.49 -8.50 -11.54
N SER A 24 2.56 -7.65 -11.09
CA SER A 24 1.68 -8.09 -10.00
C SER A 24 0.79 -9.24 -10.43
N THR A 25 0.25 -9.19 -11.64
CA THR A 25 -0.65 -10.25 -12.09
C THR A 25 0.11 -11.54 -12.31
N GLN A 26 1.35 -11.45 -12.83
CA GLN A 26 2.19 -12.65 -12.98
C GLN A 26 2.39 -13.33 -11.62
N TYR A 27 2.73 -12.56 -10.59
CA TYR A 27 2.93 -13.13 -9.25
C TYR A 27 1.65 -13.78 -8.72
N MET A 28 0.53 -13.05 -8.76
CA MET A 28 -0.75 -13.59 -8.32
C MET A 28 -1.21 -14.79 -9.13
N ALA A 29 -0.97 -14.77 -10.45
CA ALA A 29 -1.45 -15.85 -11.31
C ALA A 29 -0.84 -17.20 -10.96
N LYS A 30 0.48 -17.25 -10.77
CA LYS A 30 1.12 -18.51 -10.41
C LYS A 30 0.73 -18.99 -9.02
N ARG A 31 0.31 -18.10 -8.14
CA ARG A 31 -0.21 -18.50 -6.84
C ARG A 31 -1.72 -18.67 -6.79
N ARG A 32 -2.40 -18.58 -7.93
CA ARG A 32 -3.87 -18.58 -8.00
C ARG A 32 -4.52 -17.68 -6.96
N ILE A 33 -3.96 -16.48 -6.80
CA ILE A 33 -4.54 -15.43 -5.98
C ILE A 33 -5.50 -14.62 -6.85
N GLY A 34 -6.78 -14.60 -6.48
CA GLY A 34 -7.75 -13.74 -7.15
C GLY A 34 -7.45 -12.25 -7.01
N ALA A 35 -7.68 -11.50 -8.09
CA ALA A 35 -7.40 -10.07 -8.14
C ALA A 35 -8.27 -9.38 -9.19
N LEU A 36 -8.51 -8.09 -8.97
CA LEU A 36 -9.42 -7.29 -9.79
C LEU A 36 -8.99 -5.83 -9.76
N ILE A 37 -8.46 -5.34 -10.88
CA ILE A 37 -7.84 -4.02 -10.98
C ILE A 37 -8.48 -3.23 -12.11
N SER A 38 -9.14 -2.14 -11.77
CA SER A 38 -9.84 -1.32 -12.76
C SER A 38 -9.12 0.01 -12.92
N VAL A 39 -8.80 0.37 -14.17
CA VAL A 39 -8.07 1.59 -14.45
C VAL A 39 -9.04 2.60 -15.07
N ALA A 40 -9.28 3.70 -14.35
CA ALA A 40 -10.18 4.74 -14.83
C ALA A 40 -9.57 5.45 -16.03
N ARG A 41 -10.41 5.84 -16.98
CA ARG A 41 -9.95 6.65 -18.10
C ARG A 41 -10.80 7.91 -18.18
N ASP A 42 -11.42 8.17 -19.32
CA ASP A 42 -12.20 9.40 -19.46
C ASP A 42 -13.44 9.43 -18.56
N THR A 43 -13.96 8.27 -18.18
CA THR A 43 -15.18 8.18 -17.38
C THR A 43 -14.85 8.31 -15.89
N GLY A 44 -15.61 9.15 -15.18
CA GLY A 44 -15.51 9.19 -13.74
C GLY A 44 -15.89 7.87 -13.10
N MET A 45 -15.08 7.41 -12.13
CA MET A 45 -15.40 6.27 -11.26
C MET A 45 -15.33 6.66 -9.79
N ASP A 46 -15.56 7.94 -9.51
CA ASP A 46 -15.53 8.44 -8.14
C ASP A 46 -16.53 7.75 -7.23
N ASP A 47 -17.74 7.44 -7.72
CA ASP A 47 -18.69 6.76 -6.83
C ASP A 47 -18.24 5.35 -6.43
N TYR A 48 -17.52 4.65 -7.31
CA TYR A 48 -17.02 3.31 -6.94
C TYR A 48 -15.80 3.39 -6.04
N ILE A 49 -14.95 4.39 -6.28
CA ILE A 49 -13.85 4.72 -5.38
C ILE A 49 -14.34 4.91 -3.94
N GLU A 50 -15.42 5.66 -3.76
CA GLU A 50 -16.02 5.91 -2.44
C GLU A 50 -16.58 4.66 -1.74
N THR A 51 -16.89 3.58 -2.46
CA THR A 51 -17.29 2.33 -1.81
C THR A 51 -16.13 1.56 -1.18
N GLY A 52 -14.88 1.92 -1.47
CA GLY A 52 -13.74 1.15 -1.00
C GLY A 52 -13.04 1.83 0.16
N ILE A 53 -11.87 1.30 0.49
CA ILE A 53 -10.99 1.90 1.50
C ILE A 53 -10.02 2.81 0.76
N PRO A 54 -9.97 4.10 1.08
CA PRO A 54 -9.09 5.01 0.34
C PRO A 54 -7.62 4.77 0.63
N LEU A 55 -6.82 4.78 -0.43
CA LEU A 55 -5.38 4.65 -0.32
C LEU A 55 -4.61 5.84 -0.85
N ASN A 56 -5.01 6.37 -2.02
CA ASN A 56 -4.35 7.53 -2.64
C ASN A 56 -2.85 7.31 -2.70
N ALA A 57 -2.46 6.14 -3.17
CA ALA A 57 -1.11 5.65 -3.03
C ALA A 57 -0.39 5.64 -4.36
N LYS A 58 0.93 5.82 -4.28
CA LYS A 58 1.80 5.62 -5.43
C LYS A 58 1.62 4.19 -5.94
N ILE A 59 1.62 4.05 -7.26
CA ILE A 59 1.47 2.75 -7.91
C ILE A 59 2.78 1.97 -7.84
N SER A 60 2.73 0.73 -7.36
CA SER A 60 3.85 -0.20 -7.43
C SER A 60 3.34 -1.63 -7.59
N SER A 61 4.16 -2.51 -8.17
CA SER A 61 3.78 -3.92 -8.24
C SER A 61 3.65 -4.50 -6.84
N GLN A 62 4.59 -4.15 -5.96
CA GLN A 62 4.57 -4.57 -4.56
C GLN A 62 3.28 -4.25 -3.83
N LEU A 63 2.81 -2.99 -3.91
CA LEU A 63 1.57 -2.67 -3.21
C LEU A 63 0.38 -3.42 -3.80
N LEU A 64 0.36 -3.63 -5.11
CA LEU A 64 -0.75 -4.36 -5.72
C LEU A 64 -0.81 -5.80 -5.20
N ILE A 65 0.35 -6.45 -5.08
CA ILE A 65 0.40 -7.81 -4.56
C ILE A 65 -0.07 -7.86 -3.11
N ASN A 66 0.52 -7.04 -2.23
CA ASN A 66 0.07 -6.98 -0.84
C ASN A 66 -1.43 -6.71 -0.67
N ILE A 67 -2.03 -5.86 -1.51
CA ILE A 67 -3.47 -5.61 -1.42
C ILE A 67 -4.29 -6.90 -1.53
N PHE A 68 -3.93 -7.80 -2.44
CA PHE A 68 -4.79 -8.92 -2.81
C PHE A 68 -4.51 -10.20 -2.04
N ILE A 69 -3.61 -10.17 -1.06
CA ILE A 69 -3.35 -11.37 -0.26
C ILE A 69 -4.65 -11.86 0.35
N PRO A 70 -4.98 -13.14 0.22
CA PRO A 70 -6.27 -13.67 0.70
C PRO A 70 -6.47 -13.48 2.20
N ASN A 71 -7.74 -13.30 2.59
CA ASN A 71 -8.13 -13.18 4.00
C ASN A 71 -7.52 -11.97 4.71
N THR A 72 -7.26 -10.90 3.97
CA THR A 72 -6.75 -9.65 4.54
C THR A 72 -7.83 -8.58 4.45
N PRO A 73 -7.73 -7.51 5.26
CA PRO A 73 -8.70 -6.41 5.16
C PRO A 73 -8.90 -5.79 3.78
N LEU A 74 -7.85 -5.69 2.94
CA LEU A 74 -7.97 -4.99 1.67
C LEU A 74 -8.33 -5.87 0.46
N HIS A 75 -8.32 -7.19 0.60
CA HIS A 75 -8.40 -8.05 -0.59
C HIS A 75 -9.78 -8.13 -1.23
N ASP A 76 -10.87 -7.88 -0.48
CA ASP A 76 -12.22 -8.30 -0.86
C ASP A 76 -12.91 -7.24 -1.71
N GLY A 77 -12.55 -7.23 -2.99
CA GLY A 77 -13.10 -6.30 -3.95
C GLY A 77 -12.06 -5.79 -4.93
N ALA A 78 -12.39 -4.67 -5.55
CA ALA A 78 -11.62 -4.09 -6.66
C ALA A 78 -10.65 -3.01 -6.20
N VAL A 79 -9.46 -3.01 -6.80
CA VAL A 79 -8.57 -1.86 -6.78
C VAL A 79 -9.01 -0.98 -7.92
N ILE A 80 -9.09 0.32 -7.66
CA ILE A 80 -9.36 1.29 -8.71
C ILE A 80 -8.18 2.23 -8.78
N ILE A 81 -7.63 2.37 -9.99
CA ILE A 81 -6.49 3.22 -10.25
C ILE A 81 -6.99 4.44 -11.00
N LYS A 82 -6.67 5.61 -10.48
CA LYS A 82 -7.19 6.86 -11.05
C LYS A 82 -6.11 7.91 -11.01
N GLY A 83 -5.90 8.51 -12.17
CA GLY A 83 -4.72 9.32 -12.38
C GLY A 83 -3.50 8.43 -12.32
N ASN A 84 -2.60 8.83 -11.44
CA ASN A 84 -1.36 8.14 -11.18
C ASN A 84 -1.36 7.65 -9.73
N GLU A 85 -2.52 7.25 -9.23
CA GLU A 85 -2.62 6.69 -7.90
C GLU A 85 -3.46 5.42 -7.88
N ILE A 86 -3.14 4.56 -6.92
CA ILE A 86 -4.08 3.56 -6.46
C ILE A 86 -5.06 4.30 -5.55
N ALA A 87 -6.23 4.58 -6.07
CA ALA A 87 -7.19 5.42 -5.37
C ALA A 87 -7.82 4.68 -4.19
N SER A 88 -8.25 3.45 -4.41
CA SER A 88 -8.92 2.70 -3.37
C SER A 88 -8.71 1.21 -3.57
N ALA A 89 -8.98 0.46 -2.50
CA ALA A 89 -9.06 -1.00 -2.53
C ALA A 89 -10.37 -1.46 -1.93
N ALA A 90 -10.71 -2.71 -2.25
CA ALA A 90 -11.92 -3.35 -1.73
C ALA A 90 -13.16 -2.54 -2.10
N SER A 91 -13.14 -1.99 -3.31
CA SER A 91 -14.25 -1.25 -3.85
C SER A 91 -15.27 -2.21 -4.48
N ALA A 92 -16.54 -1.80 -4.43
CA ALA A 92 -17.60 -2.53 -5.12
C ALA A 92 -17.79 -2.02 -6.54
N LEU A 93 -17.99 -2.95 -7.46
CA LEU A 93 -18.22 -2.62 -8.84
C LEU A 93 -19.57 -3.21 -9.23
N PRO A 94 -20.29 -2.61 -10.18
CA PRO A 94 -21.53 -3.24 -10.63
C PRO A 94 -21.27 -4.58 -11.31
N LEU A 95 -22.22 -5.49 -11.12
CA LEU A 95 -22.23 -6.80 -11.77
C LEU A 95 -22.98 -6.76 -13.08
N SER A 96 -22.41 -7.40 -14.10
CA SER A 96 -23.08 -7.56 -15.37
C SER A 96 -24.20 -8.59 -15.21
N ASP A 97 -25.32 -8.34 -15.87
CA ASP A 97 -26.41 -9.29 -15.98
C ASP A 97 -26.37 -10.11 -17.27
N SER A 98 -25.33 -9.96 -18.08
CA SER A 98 -25.28 -10.66 -19.35
C SER A 98 -25.35 -12.16 -19.12
N PRO A 99 -26.24 -12.88 -19.81
CA PRO A 99 -26.20 -14.34 -19.81
C PRO A 99 -25.21 -14.92 -20.81
N PHE A 100 -24.55 -14.09 -21.60
CA PHE A 100 -23.51 -14.60 -22.49
C PHE A 100 -22.22 -14.90 -21.75
N LEU A 101 -22.02 -14.34 -20.55
CA LEU A 101 -20.84 -14.64 -19.73
C LEU A 101 -20.85 -16.06 -19.19
N SER A 102 -19.82 -16.84 -19.53
CA SER A 102 -19.73 -18.24 -19.11
C SER A 102 -19.93 -18.39 -17.60
N LYS A 103 -20.74 -19.39 -17.23
CA LYS A 103 -21.08 -19.68 -15.83
C LYS A 103 -19.85 -20.17 -15.05
N GLU A 104 -18.86 -20.72 -15.75
CA GLU A 104 -17.56 -21.12 -15.19
C GLU A 104 -16.78 -19.96 -14.61
N LEU A 105 -17.10 -18.74 -15.04
CA LEU A 105 -16.43 -17.53 -14.58
C LEU A 105 -17.16 -16.99 -13.36
N GLY A 106 -16.38 -16.51 -12.40
CA GLY A 106 -16.89 -16.06 -11.13
C GLY A 106 -17.19 -14.58 -11.03
N THR A 107 -17.44 -14.14 -9.79
CA THR A 107 -17.98 -12.81 -9.53
C THR A 107 -17.04 -11.70 -10.00
N ARG A 108 -15.72 -11.93 -9.88
CA ARG A 108 -14.76 -10.95 -10.38
C ARG A 108 -14.91 -10.66 -11.87
N HIS A 109 -15.06 -11.71 -12.67
CA HIS A 109 -15.27 -11.52 -14.10
C HIS A 109 -16.57 -10.77 -14.36
N ARG A 110 -17.59 -11.03 -13.57
CA ARG A 110 -18.89 -10.39 -13.77
C ARG A 110 -18.84 -8.92 -13.33
N ALA A 111 -18.09 -8.63 -12.26
CA ALA A 111 -17.86 -7.23 -11.88
C ALA A 111 -17.02 -6.50 -12.93
N ALA A 112 -15.97 -7.16 -13.45
CA ALA A 112 -15.13 -6.53 -14.46
C ALA A 112 -15.95 -6.22 -15.70
N LEU A 113 -16.75 -7.18 -16.15
CA LEU A 113 -17.62 -6.94 -17.29
C LEU A 113 -18.61 -5.83 -17.00
N GLY A 114 -19.21 -5.85 -15.81
CA GLY A 114 -20.18 -4.85 -15.44
C GLY A 114 -19.67 -3.42 -15.51
N ILE A 115 -18.47 -3.18 -14.96
CA ILE A 115 -17.92 -1.83 -15.02
C ILE A 115 -17.59 -1.45 -16.46
N SER A 116 -17.13 -2.40 -17.29
CA SER A 116 -16.77 -2.08 -18.67
C SER A 116 -17.98 -1.67 -19.50
N GLU A 117 -19.18 -2.09 -19.09
CA GLU A 117 -20.42 -1.72 -19.75
C GLU A 117 -20.84 -0.27 -19.50
N VAL A 118 -20.42 0.36 -18.40
CA VAL A 118 -20.86 1.72 -18.10
C VAL A 118 -19.72 2.72 -17.97
N THR A 119 -18.51 2.35 -18.35
CA THR A 119 -17.36 3.26 -18.30
C THR A 119 -16.43 2.85 -19.44
N ASP A 120 -15.42 3.67 -19.69
CA ASP A 120 -14.37 3.31 -20.64
C ASP A 120 -13.11 2.83 -19.93
N SER A 121 -13.26 2.40 -18.67
CA SER A 121 -12.25 1.67 -17.90
C SER A 121 -11.65 0.47 -18.62
N ILE A 122 -10.36 0.22 -18.31
CA ILE A 122 -9.70 -1.05 -18.63
C ILE A 122 -9.60 -1.82 -17.31
N THR A 123 -10.11 -3.05 -17.28
CA THR A 123 -10.20 -3.84 -16.04
C THR A 123 -9.47 -5.17 -16.25
N ILE A 124 -8.59 -5.53 -15.31
CA ILE A 124 -7.78 -6.76 -15.37
C ILE A 124 -8.22 -7.69 -14.25
N VAL A 125 -8.43 -8.97 -14.57
CA VAL A 125 -8.82 -10.00 -13.62
C VAL A 125 -7.80 -11.12 -13.59
N VAL A 126 -7.45 -11.57 -12.38
CA VAL A 126 -6.76 -12.85 -12.18
C VAL A 126 -7.73 -13.86 -11.55
N SER A 127 -7.90 -15.00 -12.22
CA SER A 127 -8.82 -16.02 -11.74
C SER A 127 -8.20 -16.84 -10.61
N GLU A 128 -8.90 -16.94 -9.48
CA GLU A 128 -8.42 -17.79 -8.41
C GLU A 128 -8.59 -19.28 -8.72
N GLU A 129 -9.40 -19.61 -9.72
CA GLU A 129 -9.67 -20.99 -10.11
C GLU A 129 -8.64 -21.51 -11.10
N THR A 130 -8.38 -20.77 -12.17
CA THR A 130 -7.48 -21.21 -13.22
C THR A 130 -6.15 -20.47 -13.25
N GLY A 131 -6.02 -19.37 -12.51
CA GLY A 131 -4.88 -18.51 -12.69
C GLY A 131 -4.81 -17.77 -14.00
N GLY A 132 -5.88 -17.75 -14.79
CA GLY A 132 -5.84 -17.06 -16.05
C GLY A 132 -6.05 -15.57 -15.85
N ILE A 133 -5.53 -14.79 -16.79
CA ILE A 133 -5.63 -13.35 -16.72
C ILE A 133 -6.64 -12.96 -17.79
N SER A 134 -7.61 -12.13 -17.41
CA SER A 134 -8.60 -11.61 -18.32
C SER A 134 -8.69 -10.10 -18.23
N LEU A 135 -9.28 -9.53 -19.27
CA LEU A 135 -9.39 -8.10 -19.46
C LEU A 135 -10.78 -7.80 -20.00
N THR A 136 -11.38 -6.69 -19.55
CA THR A 136 -12.65 -6.23 -20.08
C THR A 136 -12.54 -4.80 -20.57
N LYS A 137 -13.33 -4.50 -21.59
CA LYS A 137 -13.33 -3.18 -22.20
C LYS A 137 -14.58 -3.02 -23.05
N GLY A 138 -15.32 -1.94 -22.81
CA GLY A 138 -16.50 -1.64 -23.62
C GLY A 138 -17.50 -2.76 -23.76
N GLY A 139 -17.78 -3.48 -22.67
CA GLY A 139 -18.69 -4.62 -22.74
C GLY A 139 -18.15 -5.92 -23.31
N GLU A 140 -16.85 -6.01 -23.61
CA GLU A 140 -16.24 -7.21 -24.16
C GLU A 140 -15.26 -7.81 -23.15
N LEU A 141 -15.17 -9.13 -23.17
CA LEU A 141 -14.19 -9.87 -22.40
C LEU A 141 -13.12 -10.51 -23.27
N PHE A 142 -11.87 -10.33 -22.87
CA PHE A 142 -10.73 -10.98 -23.51
C PHE A 142 -10.28 -12.00 -22.48
N ARG A 143 -10.54 -13.27 -22.74
CA ARG A 143 -10.38 -14.30 -21.71
C ARG A 143 -9.04 -15.02 -21.82
N ASP A 144 -8.38 -15.21 -20.68
CA ASP A 144 -7.15 -15.99 -20.55
C ASP A 144 -6.10 -15.55 -21.58
N VAL A 145 -5.73 -14.26 -21.50
CA VAL A 145 -4.77 -13.68 -22.44
C VAL A 145 -3.36 -14.08 -22.09
N SER A 146 -2.51 -14.16 -23.11
CA SER A 146 -1.10 -14.42 -22.90
C SER A 146 -0.42 -13.16 -22.42
N GLU A 147 0.80 -13.32 -21.91
CA GLU A 147 1.60 -12.16 -21.52
C GLU A 147 1.79 -11.21 -22.68
N GLU A 148 2.02 -11.75 -23.88
CA GLU A 148 2.18 -10.90 -25.06
C GLU A 148 0.90 -10.13 -25.38
N GLU A 149 -0.26 -10.81 -25.41
CA GLU A 149 -1.51 -10.09 -25.67
C GLU A 149 -1.82 -9.06 -24.58
N LEU A 150 -1.51 -9.37 -23.32
CA LEU A 150 -1.72 -8.42 -22.23
C LEU A 150 -0.91 -7.15 -22.46
N HIS A 151 0.37 -7.31 -22.78
CA HIS A 151 1.24 -6.18 -23.04
C HIS A 151 0.72 -5.34 -24.21
N LYS A 152 0.39 -6.00 -25.31
CA LYS A 152 -0.13 -5.30 -26.48
C LYS A 152 -1.38 -4.46 -26.17
N ILE A 153 -2.38 -5.03 -25.49
CA ILE A 153 -3.59 -4.25 -25.16
C ILE A 153 -3.32 -3.12 -24.16
N LEU A 154 -2.46 -3.35 -23.16
CA LEU A 154 -2.19 -2.30 -22.18
C LEU A 154 -1.43 -1.13 -22.80
N LEU A 155 -0.53 -1.42 -23.73
CA LEU A 155 0.24 -0.37 -24.38
C LEU A 155 -0.71 0.49 -25.21
N LYS A 156 -1.53 -0.18 -26.02
CA LYS A 156 -2.46 0.51 -26.90
C LYS A 156 -3.47 1.34 -26.10
N GLU A 157 -4.02 0.78 -25.03
CA GLU A 157 -5.14 1.41 -24.34
C GLU A 157 -4.73 2.40 -23.24
N LEU A 158 -3.54 2.27 -22.66
CA LEU A 158 -3.15 3.06 -21.49
C LEU A 158 -2.01 4.05 -21.71
N VAL A 159 -1.27 3.94 -22.80
CA VAL A 159 -0.17 4.88 -23.13
C VAL A 159 -0.65 5.88 -24.18
N THR A 160 -0.76 7.14 -23.78
CA THR A 160 -0.96 8.25 -24.71
C THR A 160 0.24 8.46 -25.62
N VAL A 161 -0.01 8.37 -26.94
CA VAL A 161 1.00 8.69 -27.93
C VAL A 161 1.29 10.18 -27.87
N THR A 162 2.56 10.54 -27.71
CA THR A 162 2.97 11.92 -27.61
C THR A 162 4.07 12.22 -28.62
N ALA A 163 4.21 13.49 -28.96
CA ALA A 163 5.21 13.91 -29.93
C ALA A 163 6.62 13.70 -29.39
N LYS A 164 7.57 13.37 -30.25
CA LYS A 164 8.90 13.02 -29.79
C LYS A 164 9.75 14.11 -29.16
N LYS A 165 10.14 15.13 -29.92
CA LYS A 165 11.01 16.15 -29.34
C LYS A 165 10.28 16.95 -28.27
N PRO A 166 9.02 17.33 -28.49
CA PRO A 166 8.30 18.07 -27.44
C PRO A 166 8.24 17.37 -26.10
N SER A 167 8.27 16.04 -26.08
CA SER A 167 8.24 15.27 -24.83
C SER A 167 9.43 15.49 -23.90
N ILE A 168 10.58 15.96 -24.39
CA ILE A 168 11.75 16.03 -23.52
C ILE A 168 11.76 17.27 -22.65
N PHE A 169 10.87 18.23 -22.90
CA PHE A 169 10.80 19.46 -22.13
C PHE A 169 9.63 19.38 -21.15
N SER A 170 9.90 19.68 -19.87
CA SER A 170 8.84 19.68 -18.86
C SER A 170 8.09 21.02 -18.90
N LYS A 171 6.76 20.97 -18.93
CA LYS A 171 5.97 22.20 -18.77
C LYS A 171 5.76 22.61 -17.32
N TRP A 172 5.65 23.92 -17.13
CA TRP A 172 5.30 24.51 -15.85
C TRP A 172 3.84 24.17 -15.52
N LYS A 173 3.57 23.69 -14.31
CA LYS A 173 2.20 23.36 -13.93
C LYS A 173 1.82 24.11 -12.67
N GLY A 174 2.43 25.27 -12.46
CA GLY A 174 2.25 26.00 -11.23
C GLY A 174 3.24 25.54 -10.19
N GLY A 175 4.20 24.72 -10.61
CA GLY A 175 5.24 24.13 -9.81
C GLY A 175 5.91 23.03 -10.61
N ILE B 10 -2.73 19.58 13.53
CA ILE B 10 -4.09 19.10 13.33
C ILE B 10 -4.36 17.98 14.30
N GLU B 11 -5.16 18.26 15.33
CA GLU B 11 -5.45 17.23 16.32
C GLU B 11 -6.18 16.04 15.72
N ARG B 12 -7.09 16.29 14.78
CA ARG B 12 -7.90 15.20 14.22
C ARG B 12 -7.07 14.13 13.53
N GLU B 13 -6.10 14.53 12.69
CA GLU B 13 -5.26 13.54 12.03
C GLU B 13 -4.39 12.76 13.02
N GLN B 14 -3.92 13.43 14.07
CA GLN B 14 -3.08 12.76 15.06
C GLN B 14 -3.85 11.69 15.85
N HIS B 15 -5.09 11.96 16.26
CA HIS B 15 -5.89 10.92 16.90
C HIS B 15 -6.18 9.75 15.97
N HIS B 16 -6.39 10.01 14.67
CA HIS B 16 -6.58 8.92 13.71
C HIS B 16 -5.31 8.09 13.56
N LEU B 17 -4.16 8.74 13.49
CA LEU B 17 -2.87 8.03 13.43
C LEU B 17 -2.73 7.08 14.61
N ILE B 18 -2.96 7.58 15.82
CA ILE B 18 -2.86 6.76 17.01
C ILE B 18 -3.80 5.56 16.94
N GLU B 19 -5.07 5.80 16.59
CA GLU B 19 -6.02 4.69 16.50
C GLU B 19 -5.59 3.65 15.46
N SER B 20 -5.03 4.12 14.35
CA SER B 20 -4.59 3.23 13.27
C SER B 20 -3.44 2.33 13.72
N ILE B 21 -2.51 2.89 14.49
CA ILE B 21 -1.41 2.13 15.06
C ILE B 21 -1.93 1.09 16.04
N GLU B 22 -2.81 1.52 16.95
CA GLU B 22 -3.31 0.63 17.98
C GLU B 22 -4.11 -0.54 17.40
N LYS B 23 -5.07 -0.26 16.51
CA LYS B 23 -5.83 -1.35 15.90
C LYS B 23 -4.95 -2.29 15.07
N SER B 24 -4.04 -1.76 14.25
CA SER B 24 -3.22 -2.67 13.45
C SER B 24 -2.31 -3.54 14.31
N THR B 25 -1.69 -2.96 15.33
CA THR B 25 -0.76 -3.73 16.16
C THR B 25 -1.52 -4.73 17.02
N GLN B 26 -2.75 -4.40 17.41
CA GLN B 26 -3.60 -5.34 18.13
C GLN B 26 -3.85 -6.60 17.31
N TYR B 27 -4.22 -6.41 16.03
CA TYR B 27 -4.42 -7.55 15.12
C TYR B 27 -3.16 -8.39 14.90
N MET B 28 -2.04 -7.73 14.57
CA MET B 28 -0.77 -8.45 14.40
C MET B 28 -0.28 -9.15 15.65
N ALA B 29 -0.48 -8.54 16.82
CA ALA B 29 -0.03 -9.13 18.08
C ALA B 29 -0.71 -10.46 18.37
N LYS B 30 -2.01 -10.52 18.21
CA LYS B 30 -2.74 -11.77 18.39
C LYS B 30 -2.30 -12.85 17.42
N ARG B 31 -1.88 -12.48 16.22
CA ARG B 31 -1.39 -13.45 15.26
C ARG B 31 0.12 -13.67 15.26
N ARG B 32 0.86 -13.09 16.21
CA ARG B 32 2.33 -13.11 16.17
C ARG B 32 2.93 -12.76 14.80
N ILE B 33 2.38 -11.73 14.18
CA ILE B 33 2.93 -11.15 12.95
C ILE B 33 3.93 -10.08 13.37
N GLY B 34 5.20 -10.26 12.99
CA GLY B 34 6.20 -9.22 13.20
C GLY B 34 5.96 -7.96 12.38
N ALA B 35 6.22 -6.82 13.01
CA ALA B 35 5.92 -5.50 12.43
C ALA B 35 6.82 -4.43 13.04
N LEU B 36 7.08 -3.37 12.24
CA LEU B 36 7.90 -2.25 12.70
C LEU B 36 7.39 -0.96 12.05
N ILE B 37 6.90 -0.04 12.87
CA ILE B 37 6.33 1.24 12.42
C ILE B 37 7.06 2.38 13.09
N SER B 38 7.71 3.24 12.29
CA SER B 38 8.47 4.38 12.78
C SER B 38 7.75 5.67 12.39
N VAL B 39 7.43 6.49 13.38
CA VAL B 39 6.71 7.74 13.15
C VAL B 39 7.70 8.90 13.27
N ALA B 40 7.92 9.58 12.15
CA ALA B 40 8.83 10.72 12.12
C ALA B 40 8.25 11.92 12.85
N ARG B 41 9.14 12.65 13.53
CA ARG B 41 8.74 13.87 14.22
C ARG B 41 9.59 14.99 13.63
N ASP B 42 10.31 15.73 14.46
CA ASP B 42 11.07 16.90 14.02
C ASP B 42 12.27 16.55 13.12
N THR B 43 13.02 15.51 13.45
CA THR B 43 14.16 15.21 12.59
C THR B 43 13.71 14.49 11.33
N GLY B 44 14.36 14.87 10.24
CA GLY B 44 14.08 14.28 8.95
C GLY B 44 14.51 12.83 8.84
N MET B 45 13.70 12.05 8.16
CA MET B 45 13.96 10.64 7.93
C MET B 45 13.94 10.37 6.44
N ASP B 46 14.22 11.42 5.65
CA ASP B 46 14.15 11.31 4.19
C ASP B 46 15.06 10.21 3.67
N ASP B 47 16.28 10.08 4.20
CA ASP B 47 17.18 9.08 3.62
C ASP B 47 16.67 7.66 3.90
N TYR B 48 16.02 7.45 5.05
CA TYR B 48 15.47 6.14 5.37
C TYR B 48 14.21 5.83 4.55
N ILE B 49 13.37 6.84 4.35
CA ILE B 49 12.21 6.73 3.47
C ILE B 49 12.58 6.29 2.05
N GLU B 50 13.59 6.93 1.46
CA GLU B 50 14.03 6.56 0.12
C GLU B 50 14.62 5.15 -0.01
N THR B 51 15.10 4.53 1.08
CA THR B 51 15.56 3.13 0.98
C THR B 51 14.42 2.16 0.72
N GLY B 52 13.18 2.57 0.98
CA GLY B 52 12.05 1.67 0.94
C GLY B 52 11.27 1.80 -0.36
N ILE B 53 10.10 1.19 -0.38
CA ILE B 53 9.19 1.28 -1.50
C ILE B 53 8.24 2.45 -1.23
N PRO B 54 8.18 3.45 -2.09
CA PRO B 54 7.35 4.62 -1.78
C PRO B 54 5.87 4.34 -1.90
N LEU B 55 5.12 4.81 -0.91
CA LEU B 55 3.67 4.62 -0.88
C LEU B 55 2.92 5.94 -0.88
N ASN B 56 3.31 6.89 -0.03
CA ASN B 56 2.64 8.20 0.07
C ASN B 56 1.14 8.02 0.19
N ALA B 57 0.76 7.10 1.08
CA ALA B 57 -0.61 6.63 1.18
C ALA B 57 -1.31 7.19 2.41
N LYS B 58 -2.62 7.30 2.30
CA LYS B 58 -3.49 7.59 3.44
C LYS B 58 -3.25 6.58 4.56
N ILE B 59 -3.24 7.05 5.80
CA ILE B 59 -3.09 6.17 6.96
C ILE B 59 -4.38 5.44 7.26
N SER B 60 -4.30 4.10 7.35
CA SER B 60 -5.42 3.29 7.82
C SER B 60 -4.88 2.06 8.54
N SER B 61 -5.66 1.54 9.48
CA SER B 61 -5.28 0.29 10.14
C SER B 61 -5.21 -0.85 9.13
N GLN B 62 -6.19 -0.91 8.21
CA GLN B 62 -6.22 -1.90 7.13
C GLN B 62 -4.95 -1.92 6.29
N LEU B 63 -4.47 -0.77 5.82
CA LEU B 63 -3.27 -0.80 4.99
C LEU B 63 -2.06 -1.24 5.80
N LEU B 64 -1.99 -0.84 7.08
CA LEU B 64 -0.86 -1.26 7.92
C LEU B 64 -0.83 -2.78 8.08
N ILE B 65 -2.00 -3.39 8.29
CA ILE B 65 -2.07 -4.84 8.44
C ILE B 65 -1.65 -5.55 7.16
N ASN B 66 -2.24 -5.18 6.02
CA ASN B 66 -1.84 -5.77 4.74
C ASN B 66 -0.34 -5.63 4.47
N ILE B 67 0.27 -4.50 4.81
CA ILE B 67 1.72 -4.33 4.60
C ILE B 67 2.56 -5.45 5.24
N PHE B 68 2.22 -5.86 6.46
CA PHE B 68 3.07 -6.74 7.28
C PHE B 68 2.76 -8.22 7.19
N ILE B 69 1.82 -8.64 6.35
CA ILE B 69 1.53 -10.07 6.21
C ILE B 69 2.82 -10.80 5.84
N PRO B 70 3.16 -11.91 6.51
CA PRO B 70 4.41 -12.62 6.24
C PRO B 70 4.57 -13.11 4.81
N ASN B 71 5.83 -13.12 4.35
CA ASN B 71 6.19 -13.60 3.01
C ASN B 71 5.56 -12.80 1.87
N THR B 72 5.32 -11.51 2.09
CA THR B 72 4.81 -10.63 1.05
C THR B 72 5.90 -9.64 0.66
N PRO B 73 5.79 -9.01 -0.52
CA PRO B 73 6.83 -8.04 -0.94
C PRO B 73 7.07 -6.88 0.02
N LEU B 74 6.06 -6.39 0.72
CA LEU B 74 6.24 -5.20 1.57
C LEU B 74 6.61 -5.49 3.02
N HIS B 75 6.53 -6.73 3.50
CA HIS B 75 6.65 -6.97 4.94
C HIS B 75 8.06 -6.79 5.51
N ASP B 76 9.13 -6.95 4.72
CA ASP B 76 10.47 -7.18 5.28
C ASP B 76 11.23 -5.87 5.40
N GLY B 77 10.91 -5.14 6.46
CA GLY B 77 11.48 -3.84 6.73
C GLY B 77 10.46 -2.93 7.41
N ALA B 78 10.83 -1.67 7.50
CA ALA B 78 10.13 -0.67 8.30
C ALA B 78 9.08 0.11 7.53
N VAL B 79 7.95 0.33 8.17
CA VAL B 79 7.03 1.34 7.67
C VAL B 79 7.47 2.64 8.32
N ILE B 80 7.53 3.71 7.54
CA ILE B 80 7.82 5.02 8.07
C ILE B 80 6.62 5.90 7.78
N ILE B 81 6.11 6.53 8.82
CA ILE B 81 4.98 7.44 8.73
C ILE B 81 5.52 8.85 8.86
N LYS B 82 5.21 9.69 7.88
CA LYS B 82 5.72 11.05 7.85
C LYS B 82 4.63 11.99 7.40
N GLY B 83 4.47 13.04 8.18
CA GLY B 83 3.32 13.90 8.07
C GLY B 83 2.08 13.13 8.42
N ASN B 84 1.15 13.15 7.48
CA ASN B 84 -0.11 12.44 7.55
C ASN B 84 -0.17 11.34 6.50
N GLU B 85 0.98 10.75 6.16
CA GLU B 85 1.01 9.66 5.19
C GLU B 85 1.85 8.49 5.68
N ILE B 86 1.52 7.31 5.16
CA ILE B 86 2.47 6.21 5.13
C ILE B 86 3.45 6.49 3.99
N ALA B 87 4.65 6.94 4.35
CA ALA B 87 5.60 7.42 3.35
C ALA B 87 6.19 6.27 2.57
N SER B 88 6.61 5.22 3.26
CA SER B 88 7.25 4.09 2.62
C SER B 88 7.04 2.83 3.45
N ALA B 89 7.24 1.68 2.81
CA ALA B 89 7.33 0.39 3.45
C ALA B 89 8.63 -0.29 3.04
N ALA B 90 9.02 -1.33 3.80
CA ALA B 90 10.22 -2.11 3.52
C ALA B 90 11.47 -1.23 3.52
N SER B 91 11.48 -0.24 4.42
CA SER B 91 12.59 0.69 4.58
C SER B 91 13.67 0.09 5.47
N ALA B 92 14.91 0.51 5.17
CA ALA B 92 16.07 0.26 6.02
C ALA B 92 16.20 1.26 7.16
N LEU B 93 16.71 0.76 8.27
CA LEU B 93 16.95 1.45 9.52
C LEU B 93 18.29 0.93 10.02
N PRO B 94 19.02 1.70 10.81
CA PRO B 94 20.28 1.18 11.36
C PRO B 94 20.01 0.19 12.49
N LEU B 95 20.97 -0.72 12.68
CA LEU B 95 20.97 -1.65 13.80
C LEU B 95 21.78 -1.15 15.00
N SER B 96 21.18 -1.21 16.19
CA SER B 96 21.89 -0.84 17.40
C SER B 96 22.90 -1.94 17.74
N ASP B 97 24.04 -1.56 18.31
CA ASP B 97 24.95 -2.52 18.94
C ASP B 97 24.83 -2.57 20.47
N SER B 98 23.73 -2.06 21.03
CA SER B 98 23.54 -2.13 22.47
C SER B 98 23.73 -3.56 22.97
N PRO B 99 24.59 -3.77 23.98
CA PRO B 99 24.64 -5.07 24.67
C PRO B 99 23.56 -5.29 25.71
N PHE B 100 22.79 -4.25 26.06
CA PHE B 100 21.87 -4.33 27.19
C PHE B 100 20.55 -5.00 26.82
N LEU B 101 20.31 -5.09 25.51
CA LEU B 101 19.12 -5.66 24.89
C LEU B 101 19.02 -7.16 25.18
N SER B 102 17.88 -7.61 25.71
CA SER B 102 17.68 -9.04 25.98
C SER B 102 17.94 -9.92 24.75
N LYS B 103 18.57 -11.08 25.01
CA LYS B 103 18.99 -12.05 23.99
C LYS B 103 17.86 -12.61 23.13
N GLU B 104 16.64 -12.70 23.67
CA GLU B 104 15.50 -13.18 22.88
C GLU B 104 14.95 -12.15 21.89
N LEU B 105 15.43 -10.92 21.94
CA LEU B 105 15.04 -9.89 20.97
C LEU B 105 16.03 -9.94 19.81
N GLY B 106 15.51 -9.89 18.58
CA GLY B 106 16.30 -9.98 17.38
C GLY B 106 16.40 -8.66 16.64
N THR B 107 16.71 -8.74 15.35
CA THR B 107 17.14 -7.57 14.61
C THR B 107 16.04 -6.53 14.44
N ARG B 108 14.77 -6.94 14.43
CA ARG B 108 13.68 -5.97 14.40
C ARG B 108 13.71 -4.98 15.59
N HIS B 109 13.84 -5.51 16.81
CA HIS B 109 13.96 -4.66 17.99
C HIS B 109 15.22 -3.84 17.98
N ARG B 110 16.29 -4.41 17.42
CA ARG B 110 17.57 -3.75 17.33
C ARG B 110 17.56 -2.64 16.26
N ALA B 111 16.80 -2.84 15.17
CA ALA B 111 16.55 -1.75 14.22
C ALA B 111 15.72 -0.64 14.85
N ALA B 112 14.69 -0.98 15.62
CA ALA B 112 13.86 0.05 16.24
C ALA B 112 14.71 0.87 17.22
N LEU B 113 15.53 0.20 18.01
CA LEU B 113 16.44 0.91 18.91
C LEU B 113 17.42 1.77 18.12
N GLY B 114 17.98 1.21 17.04
CA GLY B 114 18.94 1.94 16.23
C GLY B 114 18.41 3.25 15.67
N ILE B 115 17.20 3.25 15.11
CA ILE B 115 16.64 4.49 14.60
C ILE B 115 16.39 5.49 15.74
N SER B 116 15.97 5.01 16.92
CA SER B 116 15.70 5.91 18.04
C SER B 116 16.96 6.61 18.53
N GLU B 117 18.13 6.00 18.27
CA GLU B 117 19.41 6.61 18.66
C GLU B 117 19.81 7.79 17.78
N VAL B 118 19.33 7.90 16.53
CA VAL B 118 19.75 9.00 15.68
C VAL B 118 18.60 9.86 15.19
N THR B 119 17.39 9.70 15.76
CA THR B 119 16.24 10.53 15.43
C THR B 119 15.40 10.69 16.68
N ASP B 120 14.43 11.61 16.62
CA ASP B 120 13.45 11.75 17.68
C ASP B 120 12.13 11.08 17.32
N SER B 121 12.16 10.16 16.36
CA SER B 121 11.04 9.31 15.99
C SER B 121 10.53 8.46 17.16
N ILE B 122 9.24 8.11 17.09
CA ILE B 122 8.60 7.11 17.96
C ILE B 122 8.38 5.84 17.14
N THR B 123 8.88 4.70 17.61
CA THR B 123 8.89 3.46 16.84
C THR B 123 8.15 2.37 17.64
N ILE B 124 7.22 1.69 16.98
CA ILE B 124 6.40 0.64 17.58
C ILE B 124 6.79 -0.70 16.95
N VAL B 125 7.04 -1.72 17.78
CA VAL B 125 7.48 -3.05 17.33
C VAL B 125 6.52 -4.13 17.82
N VAL B 126 6.14 -5.06 16.94
CA VAL B 126 5.43 -6.27 17.33
C VAL B 126 6.34 -7.48 17.18
N SER B 127 6.45 -8.29 18.23
CA SER B 127 7.33 -9.45 18.23
C SER B 127 6.69 -10.61 17.46
N GLU B 128 7.42 -11.19 16.51
CA GLU B 128 6.92 -12.38 15.83
C GLU B 128 7.02 -13.63 16.69
N GLU B 129 7.74 -13.58 17.80
CA GLU B 129 7.87 -14.70 18.72
C GLU B 129 6.73 -14.72 19.73
N THR B 130 6.51 -13.60 20.41
CA THR B 130 5.55 -13.53 21.50
C THR B 130 4.29 -12.73 21.18
N GLY B 131 4.29 -11.95 20.10
CA GLY B 131 3.29 -10.92 19.90
C GLY B 131 3.28 -9.77 20.89
N GLY B 132 4.34 -9.61 21.69
CA GLY B 132 4.44 -8.45 22.55
C GLY B 132 4.71 -7.16 21.77
N ILE B 133 4.22 -6.04 22.29
CA ILE B 133 4.37 -4.76 21.62
C ILE B 133 5.41 -3.97 22.40
N SER B 134 6.40 -3.42 21.69
CA SER B 134 7.41 -2.56 22.28
C SER B 134 7.50 -1.20 21.59
N LEU B 135 8.11 -0.25 22.31
CA LEU B 135 8.30 1.11 21.86
C LEU B 135 9.76 1.50 22.05
N THR B 136 10.32 2.31 21.14
CA THR B 136 11.63 2.90 21.32
C THR B 136 11.58 4.41 21.17
N LYS B 137 12.47 5.08 21.90
CA LYS B 137 12.56 6.53 21.91
C LYS B 137 13.89 6.95 22.52
N GLY B 138 14.61 7.82 21.84
CA GLY B 138 15.86 8.38 22.36
C GLY B 138 16.88 7.39 22.86
N GLY B 139 17.12 6.31 22.12
CA GLY B 139 18.05 5.26 22.48
C GLY B 139 17.62 4.28 23.55
N GLU B 140 16.33 4.22 23.88
CA GLU B 140 15.83 3.37 24.95
C GLU B 140 14.63 2.58 24.47
N LEU B 141 14.44 1.41 25.08
CA LEU B 141 13.35 0.49 24.75
C LEU B 141 12.40 0.26 25.92
N PHE B 142 11.08 0.33 25.66
CA PHE B 142 10.06 0.04 26.65
C PHE B 142 9.44 -1.26 26.13
N ARG B 143 9.67 -2.35 26.86
CA ARG B 143 9.31 -3.69 26.41
C ARG B 143 7.95 -4.21 26.85
N ASP B 144 7.24 -4.83 25.90
CA ASP B 144 6.01 -5.58 26.18
C ASP B 144 4.97 -4.74 26.93
N VAL B 145 4.54 -3.65 26.29
CA VAL B 145 3.65 -2.68 26.91
C VAL B 145 2.21 -3.18 26.83
N SER B 146 1.40 -2.75 27.80
CA SER B 146 -0.03 -3.03 27.75
C SER B 146 -0.73 -2.10 26.76
N GLU B 147 -1.99 -2.43 26.47
CA GLU B 147 -2.81 -1.57 25.62
C GLU B 147 -2.94 -0.17 26.20
N GLU B 148 -3.12 -0.07 27.52
CA GLU B 148 -3.27 1.22 28.15
C GLU B 148 -1.97 2.02 28.09
N GLU B 149 -0.83 1.38 28.41
CA GLU B 149 0.45 2.08 28.30
C GLU B 149 0.76 2.51 26.87
N LEU B 150 0.42 1.68 25.88
CA LEU B 150 0.65 2.07 24.49
C LEU B 150 -0.11 3.32 24.14
N HIS B 151 -1.40 3.35 24.47
CA HIS B 151 -2.23 4.52 24.23
C HIS B 151 -1.70 5.77 24.91
N LYS B 152 -1.37 5.65 26.19
CA LYS B 152 -0.86 6.79 26.94
C LYS B 152 0.44 7.37 26.36
N ILE B 153 1.41 6.53 25.97
CA ILE B 153 2.64 7.06 25.38
C ILE B 153 2.44 7.64 23.98
N LEU B 154 1.60 7.02 23.15
CA LEU B 154 1.34 7.59 21.82
C LEU B 154 0.60 8.91 21.90
N LEU B 155 -0.31 9.04 22.86
CA LEU B 155 -1.04 10.29 23.01
C LEU B 155 -0.06 11.40 23.42
N LYS B 156 0.75 11.13 24.43
CA LYS B 156 1.73 12.09 24.92
C LYS B 156 2.73 12.50 23.83
N GLU B 157 3.28 11.53 23.10
CA GLU B 157 4.40 11.78 22.20
C GLU B 157 3.99 12.23 20.81
N LEU B 158 2.76 11.95 20.38
CA LEU B 158 2.29 12.31 19.05
C LEU B 158 1.24 13.41 19.00
N VAL B 159 0.52 13.68 20.09
CA VAL B 159 -0.47 14.75 20.07
C VAL B 159 0.15 15.95 20.78
N THR B 160 0.37 17.02 20.01
CA THR B 160 1.04 18.23 20.49
C THR B 160 0.33 18.94 21.63
N VAL B 161 -1.00 18.99 21.62
CA VAL B 161 -1.75 19.70 22.66
C VAL B 161 -1.61 19.05 24.03
N ALA B 163 1.00 18.55 25.85
CA ALA B 163 1.93 19.25 26.73
C ALA B 163 1.44 20.60 27.27
N LYS B 164 0.21 21.01 26.97
CA LYS B 164 -0.31 22.30 27.41
C LYS B 164 -0.34 22.46 28.93
N LYS B 165 -0.66 21.39 29.67
CA LYS B 165 -0.71 21.42 31.13
C LYS B 165 0.66 21.50 31.81
N PRO B 166 0.69 21.92 33.09
CA PRO B 166 1.96 21.98 33.83
C PRO B 166 2.64 20.62 33.75
N SER B 167 3.96 20.64 33.53
CA SER B 167 4.71 19.40 33.31
C SER B 167 4.56 18.34 34.40
N ILE B 168 4.53 18.72 35.68
CA ILE B 168 4.40 17.76 36.79
C ILE B 168 3.33 16.69 36.53
N PHE B 169 2.26 17.08 35.86
CA PHE B 169 1.21 16.15 35.51
C PHE B 169 1.59 15.43 34.22
C1 GLC C . -4.92 9.89 -20.15
C2 GLC C . -6.22 10.53 -20.66
C3 GLC C . -7.23 9.50 -21.15
C4 GLC C . -6.61 8.34 -21.93
C5 GLC C . -5.27 7.84 -21.36
C6 GLC C . -4.72 6.73 -22.27
O2 GLC C . -6.81 11.34 -19.65
O3 GLC C . -8.19 10.13 -21.96
O4 GLC C . -7.50 7.24 -21.94
O5 GLC C . -4.40 8.94 -21.10
O6 GLC C . -3.79 7.15 -23.26
C1 FRU C . -3.55 10.47 -17.62
C2 FRU C . -4.39 9.20 -17.79
C3 FRU C . -5.27 8.90 -16.57
C4 FRU C . -5.40 7.40 -16.63
C5 FRU C . -4.00 7.00 -17.06
C6 FRU C . -3.91 5.67 -17.77
O1 FRU C . -2.67 10.36 -16.51
O2 FRU C . -5.26 9.26 -18.92
O3 FRU C . -6.51 9.55 -16.57
O4 FRU C . -5.81 6.81 -15.42
O5 FRU C . -3.54 8.07 -17.89
O6 FRU C . -2.58 5.46 -18.21
CL CL D . -11.94 -15.75 -9.84
CL CL E . 1.69 -16.56 -21.43
CL CL F . 6.82 -14.90 -8.14
CL CL G . 3.41 -14.58 -24.27
CL CL H . 8.92 10.98 -13.36
CL CL I . 10.45 -10.18 16.39
CL CL J . -11.22 18.45 14.40
CL CL K . 8.18 -8.74 23.96
#